data_3VN3
#
_entry.id   3VN3
#
_cell.length_a   38.890
_cell.length_b   41.630
_cell.length_c   70.250
_cell.angle_alpha   81.53
_cell.angle_beta   83.13
_cell.angle_gamma   62.43
#
_symmetry.space_group_name_H-M   'P 1'
#
loop_
_entity.id
_entity.type
_entity.pdbx_description
1 polymer 'Antifreeze protein'
2 non-polymer 1,2-ETHANEDIOL
3 water water
#
_entity_poly.entity_id   1
_entity_poly.type   'polypeptide(L)'
_entity_poly.pdbx_seq_one_letter_code
;AGPSAVPLGTAGNYVILASTGVSTVPQSVITGAVGVSPGTAASLTGFSLILSGTGTFSTSSQVTGQLTGADYGTPTPSIL
TTAIGDMGTA(IYR)INAATRSGPDFLEIYTGALGGTTLLPGLYKWTSSVGASADFTISGTSTDTWIFQIDGTLDVATGK
QITLVGGAQAKNIIWVVAGAVNIEVGAKFEGTILAKTAVTFKTGSSLNGRILAQTSVALQSATIVEK
;
_entity_poly.pdbx_strand_id   A,B
#
loop_
_chem_comp.id
_chem_comp.type
_chem_comp.name
_chem_comp.formula
EDO non-polymer 1,2-ETHANEDIOL 'C2 H6 O2'
#
# COMPACT_ATOMS: atom_id res chain seq x y z
N ALA A 1 14.99 9.74 -6.00
CA ALA A 1 16.40 9.32 -5.78
C ALA A 1 16.49 7.86 -6.09
N GLY A 2 17.63 7.45 -6.60
CA GLY A 2 17.91 6.07 -6.95
C GLY A 2 17.89 5.88 -8.46
N PRO A 3 18.22 4.69 -8.89
CA PRO A 3 18.39 4.38 -10.31
C PRO A 3 17.08 4.34 -11.05
N SER A 4 17.15 4.53 -12.37
CA SER A 4 15.96 4.36 -13.18
C SER A 4 15.42 2.93 -13.03
N ALA A 5 14.11 2.81 -13.07
CA ALA A 5 13.45 1.52 -12.83
C ALA A 5 13.91 0.47 -13.84
N VAL A 6 13.88 -0.78 -13.41
CA VAL A 6 14.20 -1.90 -14.27
C VAL A 6 12.95 -2.32 -15.00
N PRO A 7 12.99 -2.40 -16.32
CA PRO A 7 11.79 -2.81 -17.06
C PRO A 7 11.61 -4.33 -16.91
N LEU A 8 10.40 -4.69 -16.42
CA LEU A 8 10.07 -6.11 -16.26
C LEU A 8 9.26 -6.64 -17.42
N GLY A 9 8.71 -5.78 -18.27
CA GLY A 9 7.84 -6.23 -19.34
C GLY A 9 6.71 -7.06 -18.76
N THR A 10 6.32 -8.09 -19.51
CA THR A 10 5.23 -8.95 -19.07
C THR A 10 5.63 -9.87 -17.92
N ALA A 11 6.93 -9.97 -17.59
CA ALA A 11 7.29 -10.67 -16.37
C ALA A 11 6.67 -9.96 -15.15
N GLY A 12 6.37 -8.66 -15.27
CA GLY A 12 5.71 -7.93 -14.20
C GLY A 12 4.22 -8.27 -14.05
N ASN A 13 3.71 -9.16 -14.87
CA ASN A 13 2.33 -9.63 -14.73
C ASN A 13 2.22 -10.78 -13.72
N TYR A 14 3.33 -11.28 -13.22
CA TYR A 14 3.35 -12.48 -12.39
C TYR A 14 3.91 -12.14 -11.02
N VAL A 15 3.39 -12.79 -9.99
CA VAL A 15 4.06 -12.77 -8.70
C VAL A 15 5.21 -13.78 -8.66
N ILE A 16 5.06 -14.91 -9.32
CA ILE A 16 6.13 -15.91 -9.44
C ILE A 16 6.18 -16.34 -10.90
N LEU A 17 7.35 -16.22 -11.51
CA LEU A 17 7.60 -16.73 -12.84
C LEU A 17 8.89 -17.54 -12.77
N ALA A 18 8.85 -18.77 -13.22
CA ALA A 18 9.99 -19.66 -13.16
C ALA A 18 10.14 -20.38 -14.49
N SER A 19 11.28 -21.09 -14.62
CA SER A 19 11.53 -21.85 -15.84
C SER A 19 11.50 -23.36 -15.65
N THR A 20 12.03 -23.88 -14.54
CA THR A 20 12.09 -25.33 -14.36
C THR A 20 11.05 -25.84 -13.40
N GLY A 21 10.44 -25.01 -12.57
CA GLY A 21 9.38 -25.48 -11.70
C GLY A 21 9.12 -24.51 -10.56
N VAL A 22 7.95 -24.70 -9.94
CA VAL A 22 7.59 -24.07 -8.67
C VAL A 22 7.01 -25.15 -7.79
N SER A 23 7.56 -25.32 -6.60
CA SER A 23 7.01 -26.27 -5.63
C SER A 23 6.49 -25.54 -4.41
N THR A 24 5.50 -26.15 -3.76
CA THR A 24 4.98 -25.66 -2.50
C THR A 24 4.76 -26.79 -1.56
N VAL A 25 5.20 -26.61 -0.31
CA VAL A 25 4.75 -27.41 0.83
C VAL A 25 3.52 -26.68 1.39
N PRO A 26 2.32 -27.27 1.33
CA PRO A 26 1.15 -26.49 1.73
C PRO A 26 1.18 -26.09 3.19
N GLN A 27 0.54 -25.00 3.58
CA GLN A 27 -0.24 -24.12 2.74
C GLN A 27 0.49 -22.81 2.52
N SER A 28 0.97 -22.60 1.30
CA SER A 28 1.41 -21.25 0.89
C SER A 28 0.19 -20.40 0.60
N VAL A 29 0.39 -19.10 0.68
CA VAL A 29 -0.67 -18.12 0.43
C VAL A 29 -0.09 -17.09 -0.51
N ILE A 30 -0.37 -17.27 -1.78
CA ILE A 30 0.25 -16.49 -2.85
C ILE A 30 -0.81 -15.60 -3.45
N THR A 31 -0.51 -14.32 -3.66
CA THR A 31 -1.43 -13.40 -4.29
C THR A 31 -0.77 -12.86 -5.56
N GLY A 32 -1.35 -13.26 -6.68
CA GLY A 32 -0.84 -12.95 -8.02
C GLY A 32 -0.71 -14.21 -8.86
N ALA A 33 -0.37 -13.99 -10.13
CA ALA A 33 -0.26 -15.10 -11.07
C ALA A 33 1.06 -15.84 -10.93
N VAL A 34 1.01 -17.15 -11.16
CA VAL A 34 2.18 -18.02 -11.10
C VAL A 34 2.33 -18.68 -12.46
N GLY A 35 3.50 -18.52 -13.09
CA GLY A 35 3.76 -19.08 -14.41
C GLY A 35 5.04 -19.87 -14.42
N VAL A 36 5.10 -20.88 -15.29
CA VAL A 36 6.34 -21.61 -15.54
C VAL A 36 6.42 -21.92 -17.02
N SER A 37 7.67 -21.76 -17.55
CA SER A 37 7.95 -22.12 -18.94
C SER A 37 9.46 -22.09 -19.09
N PRO A 38 10.06 -23.03 -19.84
CA PRO A 38 9.42 -24.10 -20.61
C PRO A 38 8.97 -25.28 -19.78
N GLY A 39 9.14 -25.27 -18.46
CA GLY A 39 8.50 -26.27 -17.65
C GLY A 39 7.00 -26.31 -17.91
N THR A 40 6.44 -27.49 -17.78
CA THR A 40 5.01 -27.68 -17.96
C THR A 40 4.30 -27.52 -16.64
N ALA A 41 2.96 -27.57 -16.64
CA ALA A 41 2.25 -27.49 -15.37
C ALA A 41 2.57 -28.66 -14.45
N ALA A 42 3.10 -29.79 -14.97
CA ALA A 42 3.54 -30.84 -14.12
C ALA A 42 4.71 -30.43 -13.24
N SER A 43 5.41 -29.36 -13.59
CA SER A 43 6.49 -28.80 -12.79
C SER A 43 6.00 -27.79 -11.75
N LEU A 44 4.69 -27.55 -11.69
CA LEU A 44 4.05 -26.83 -10.57
C LEU A 44 3.59 -27.93 -9.63
N THR A 45 4.30 -28.11 -8.50
CA THR A 45 4.05 -29.23 -7.62
C THR A 45 3.60 -28.77 -6.26
N GLY A 46 2.69 -29.54 -5.68
CA GLY A 46 2.14 -29.27 -4.37
C GLY A 46 0.90 -28.39 -4.38
N PHE A 47 0.41 -27.96 -5.54
CA PHE A 47 -0.67 -27.00 -5.65
C PHE A 47 -2.08 -27.60 -5.76
N SER A 48 -2.19 -28.92 -6.00
CA SER A 48 -3.52 -29.54 -6.23
C SER A 48 -4.34 -28.73 -7.22
N LEU A 49 -3.81 -28.62 -8.44
CA LEU A 49 -4.37 -27.75 -9.45
C LEU A 49 -5.70 -28.23 -9.98
N ILE A 50 -6.61 -27.28 -10.23
CA ILE A 50 -7.86 -27.49 -10.92
C ILE A 50 -7.79 -26.78 -12.25
N LEU A 51 -7.79 -27.52 -13.36
CA LEU A 51 -7.70 -26.90 -14.68
C LEU A 51 -8.99 -26.17 -14.99
N SER A 52 -8.90 -24.95 -15.52
CA SER A 52 -10.06 -24.17 -15.86
C SER A 52 -10.83 -24.78 -17.01
N GLY A 53 -12.07 -24.35 -17.15
CA GLY A 53 -12.90 -24.83 -18.22
C GLY A 53 -12.42 -24.48 -19.62
N THR A 54 -11.53 -23.52 -19.76
CA THR A 54 -10.98 -23.18 -21.07
C THR A 54 -9.68 -23.91 -21.38
N GLY A 55 -9.09 -24.60 -20.40
CA GLY A 55 -7.84 -25.29 -20.62
C GLY A 55 -6.62 -24.39 -20.70
N THR A 56 -6.77 -23.10 -20.37
CA THR A 56 -5.72 -22.11 -20.54
C THR A 56 -5.03 -21.71 -19.25
N PHE A 57 -5.59 -22.08 -18.10
CA PHE A 57 -5.02 -21.74 -16.79
C PHE A 57 -5.57 -22.73 -15.79
N SER A 58 -5.02 -22.72 -14.59
CA SER A 58 -5.52 -23.52 -13.48
C SER A 58 -5.60 -22.68 -12.23
N THR A 59 -6.25 -23.24 -11.20
CA THR A 59 -6.43 -22.60 -9.91
C THR A 59 -6.02 -23.55 -8.80
N SER A 60 -5.71 -22.95 -7.67
CA SER A 60 -5.28 -23.64 -6.46
C SER A 60 -5.81 -22.92 -5.26
N SER A 61 -6.04 -23.64 -4.15
CA SER A 61 -6.33 -22.97 -2.87
C SER A 61 -5.18 -22.12 -2.36
N GLN A 62 -3.96 -22.35 -2.88
CA GLN A 62 -2.78 -21.63 -2.42
C GLN A 62 -2.53 -20.33 -3.21
N VAL A 63 -3.33 -20.04 -4.24
CA VAL A 63 -3.07 -18.91 -5.11
C VAL A 63 -4.34 -18.11 -5.33
N THR A 64 -4.29 -16.81 -5.11
CA THR A 64 -5.33 -15.90 -5.52
C THR A 64 -4.85 -15.31 -6.84
N GLY A 65 -5.32 -15.88 -7.94
CA GLY A 65 -4.75 -15.64 -9.24
C GLY A 65 -4.77 -16.91 -10.05
N GLN A 66 -4.20 -16.85 -11.22
CA GLN A 66 -4.15 -17.98 -12.14
C GLN A 66 -2.75 -18.57 -12.18
N LEU A 67 -2.72 -19.90 -12.34
CA LEU A 67 -1.46 -20.60 -12.64
C LEU A 67 -1.45 -21.00 -14.10
N THR A 68 -0.26 -20.90 -14.71
CA THR A 68 -0.09 -21.28 -16.11
C THR A 68 1.23 -22.02 -16.27
N GLY A 69 1.22 -22.99 -17.20
CA GLY A 69 2.43 -23.69 -17.62
C GLY A 69 2.44 -23.88 -19.12
N ALA A 70 3.60 -24.35 -19.61
CA ALA A 70 3.87 -24.33 -21.04
C ALA A 70 3.00 -25.28 -21.86
N ASP A 71 2.36 -26.24 -21.21
CA ASP A 71 1.51 -27.23 -21.88
C ASP A 71 0.03 -26.89 -21.86
N TYR A 72 -0.36 -25.72 -21.37
CA TYR A 72 -1.75 -25.30 -21.41
C TYR A 72 -2.15 -24.88 -22.81
N GLY A 73 -3.47 -24.68 -22.98
CA GLY A 73 -3.99 -24.35 -24.28
C GLY A 73 -3.58 -22.98 -24.79
N THR A 74 -3.53 -22.85 -26.11
CA THR A 74 -3.19 -21.58 -26.69
CA THR A 74 -3.24 -21.57 -26.76
C THR A 74 -4.22 -20.52 -26.27
N PRO A 75 -3.78 -19.28 -26.03
CA PRO A 75 -2.45 -18.71 -26.28
C PRO A 75 -1.50 -18.76 -25.09
N THR A 76 -1.79 -19.56 -24.07
CA THR A 76 -0.96 -19.55 -22.88
C THR A 76 0.53 -19.83 -23.14
N PRO A 77 0.89 -20.83 -23.95
CA PRO A 77 2.35 -21.07 -24.11
C PRO A 77 3.08 -19.87 -24.70
N SER A 78 2.49 -19.22 -25.68
CA SER A 78 3.12 -18.05 -26.29
C SER A 78 3.26 -16.91 -25.33
N ILE A 79 2.24 -16.69 -24.49
CA ILE A 79 2.28 -15.66 -23.46
C ILE A 79 3.41 -15.93 -22.50
N LEU A 80 3.54 -17.17 -22.06
CA LEU A 80 4.61 -17.53 -21.13
C LEU A 80 5.99 -17.36 -21.76
N THR A 81 6.17 -17.77 -23.01
CA THR A 81 7.46 -17.63 -23.65
C THR A 81 7.89 -16.18 -23.67
N THR A 82 6.98 -15.31 -24.00
CA THR A 82 7.28 -13.88 -23.98
C THR A 82 7.67 -13.41 -22.59
N ALA A 83 6.95 -13.84 -21.58
CA ALA A 83 7.27 -13.45 -20.21
C ALA A 83 8.67 -13.95 -19.81
N ILE A 84 9.03 -15.16 -20.16
CA ILE A 84 10.37 -15.70 -19.83
C ILE A 84 11.42 -14.86 -20.51
N GLY A 85 11.18 -14.45 -21.77
CA GLY A 85 12.13 -13.57 -22.47
C GLY A 85 12.27 -12.26 -21.70
N ASP A 86 11.13 -11.71 -21.27
CA ASP A 86 11.14 -10.45 -20.55
C ASP A 86 11.87 -10.54 -19.23
N MET A 87 11.76 -11.68 -18.55
CA MET A 87 12.54 -11.91 -17.33
C MET A 87 14.03 -11.93 -17.63
N GLY A 88 14.47 -12.60 -18.68
CA GLY A 88 15.86 -12.64 -18.99
C GLY A 88 16.41 -11.25 -19.30
N THR A 89 15.66 -10.43 -20.03
CA THR A 89 15.99 -9.07 -20.35
C THR A 89 16.08 -8.25 -19.08
N ALA A 90 15.14 -8.42 -18.18
CA ALA A 90 15.14 -7.63 -16.93
C ALA A 90 16.38 -7.96 -16.14
N IYR A 91 16.75 -9.24 -16.03
CA IYR A 91 17.96 -9.64 -15.27
CA IYR A 91 17.93 -9.68 -15.38
CB IYR A 91 18.10 -11.19 -15.24
CB IYR A 91 18.04 -11.08 -15.94
CC IYR A 91 19.25 -11.68 -14.45
CC IYR A 91 19.40 -11.47 -15.38
CD IYR A 91 19.12 -12.23 -13.11
CD IYR A 91 19.50 -12.00 -14.10
CE IYR A 91 20.33 -12.69 -12.13
CE IYR A 91 20.76 -12.30 -13.59
IE IYR A 91 20.11 -13.47 -10.23
IE IYR A 91 20.95 -13.09 -11.68
CF IYR A 91 21.45 -12.57 -12.86
CF IYR A 91 21.96 -12.09 -14.39
OF IYR A 91 22.44 -12.96 -12.10
OF IYR A 91 23.17 -12.39 -13.86
CG IYR A 91 21.61 -12.01 -14.14
CG IYR A 91 21.79 -11.57 -15.65
CH IYR A 91 20.55 -11.62 -14.93
CH IYR A 91 20.53 -11.28 -16.15
C IYR A 91 19.14 -8.96 -15.88
O IYR A 91 19.95 -8.37 -15.15
N ILE A 92 19.33 -9.01 -17.20
CA ILE A 92 20.49 -8.39 -17.82
C ILE A 92 20.49 -6.87 -17.58
N ASN A 93 19.33 -6.23 -17.72
CA ASN A 93 19.19 -4.78 -17.52
C ASN A 93 19.66 -4.38 -16.12
N ALA A 94 19.16 -5.10 -15.12
CA ALA A 94 19.51 -4.80 -13.76
C ALA A 94 20.98 -5.10 -13.51
N ALA A 95 21.47 -6.25 -14.00
CA ALA A 95 22.82 -6.70 -13.70
C ALA A 95 23.88 -5.84 -14.36
N THR A 96 23.54 -5.13 -15.43
CA THR A 96 24.54 -4.38 -16.19
CA THR A 96 24.47 -4.33 -16.26
C THR A 96 24.55 -2.89 -15.82
N ARG A 97 23.69 -2.47 -14.86
CA ARG A 97 23.76 -1.07 -14.41
C ARG A 97 25.15 -0.78 -13.85
N SER A 98 25.63 0.44 -14.17
CA SER A 98 26.93 0.89 -13.76
C SER A 98 26.83 2.12 -12.85
N GLY A 99 27.98 2.45 -12.25
CA GLY A 99 28.07 3.63 -11.41
C GLY A 99 27.32 3.48 -10.09
N PRO A 100 27.66 2.46 -9.32
CA PRO A 100 26.95 2.23 -8.06
C PRO A 100 27.14 3.39 -7.10
N ASP A 101 26.10 3.65 -6.33
CA ASP A 101 26.17 4.55 -5.19
C ASP A 101 26.93 3.97 -4.03
N PHE A 102 26.85 2.62 -3.89
CA PHE A 102 27.42 1.91 -2.75
C PHE A 102 28.05 0.63 -3.29
N LEU A 103 29.32 0.40 -2.98
CA LEU A 103 30.08 -0.74 -3.51
C LEU A 103 30.71 -1.49 -2.34
N GLU A 104 30.32 -2.75 -2.21
CA GLU A 104 30.80 -3.62 -1.10
C GLU A 104 30.38 -3.10 0.28
N ILE A 105 29.27 -2.36 0.36
CA ILE A 105 28.95 -1.71 1.64
C ILE A 105 28.68 -2.78 2.68
N TYR A 106 29.21 -2.57 3.86
CA TYR A 106 29.04 -3.47 5.02
C TYR A 106 29.63 -4.86 4.78
N THR A 107 30.45 -5.04 3.72
CA THR A 107 30.90 -6.35 3.26
C THR A 107 29.72 -7.29 2.95
N GLY A 108 28.53 -6.72 2.69
CA GLY A 108 27.37 -7.55 2.42
C GLY A 108 26.61 -8.02 3.64
N ALA A 109 27.00 -7.61 4.83
CA ALA A 109 26.33 -8.02 6.09
C ALA A 109 25.32 -6.92 6.43
N LEU A 110 24.07 -7.15 6.09
CA LEU A 110 23.06 -6.10 6.14
C LEU A 110 22.33 -6.01 7.48
N GLY A 111 22.55 -6.96 8.38
CA GLY A 111 21.82 -6.89 9.65
C GLY A 111 22.04 -5.56 10.36
N GLY A 112 20.95 -4.98 10.84
CA GLY A 112 21.02 -3.73 11.60
C GLY A 112 21.22 -2.46 10.78
N THR A 113 21.28 -2.58 9.46
CA THR A 113 21.55 -1.44 8.61
C THR A 113 20.26 -0.86 8.03
N THR A 114 20.40 0.37 7.50
CA THR A 114 19.35 1.03 6.75
C THR A 114 19.93 1.32 5.36
N LEU A 115 19.16 0.98 4.34
CA LEU A 115 19.61 1.10 2.96
C LEU A 115 18.82 2.25 2.28
N LEU A 116 19.54 3.34 2.01
CA LEU A 116 19.00 4.49 1.33
C LEU A 116 18.87 4.21 -0.18
N PRO A 117 18.11 5.01 -0.90
CA PRO A 117 17.96 4.76 -2.35
C PRO A 117 19.29 4.73 -3.05
N GLY A 118 19.38 3.91 -4.08
CA GLY A 118 20.59 3.82 -4.86
C GLY A 118 20.77 2.51 -5.57
N LEU A 119 21.86 2.49 -6.35
CA LEU A 119 22.40 1.31 -6.97
C LEU A 119 23.50 0.76 -6.08
N TYR A 120 23.38 -0.50 -5.67
CA TYR A 120 24.32 -1.18 -4.80
C TYR A 120 24.93 -2.34 -5.57
N LYS A 121 26.23 -2.54 -5.40
CA LYS A 121 26.93 -3.69 -5.98
C LYS A 121 27.73 -4.37 -4.91
N TRP A 122 27.61 -5.71 -4.86
CA TRP A 122 28.49 -6.55 -4.07
C TRP A 122 29.05 -7.65 -4.95
N THR A 123 30.38 -7.85 -4.88
CA THR A 123 30.99 -9.00 -5.51
C THR A 123 30.97 -10.23 -4.59
N SER A 124 30.56 -10.04 -3.38
CA SER A 124 30.44 -11.09 -2.38
C SER A 124 29.01 -11.64 -2.35
N SER A 125 28.81 -12.58 -1.44
CA SER A 125 27.45 -12.88 -0.99
C SER A 125 26.95 -11.73 -0.09
N VAL A 126 25.64 -11.73 0.11
CA VAL A 126 24.95 -10.72 0.89
C VAL A 126 23.95 -11.43 1.78
N GLY A 127 23.77 -10.95 3.00
CA GLY A 127 22.74 -11.53 3.82
C GLY A 127 22.50 -10.72 5.04
N ALA A 128 21.57 -11.21 5.84
CA ALA A 128 21.17 -10.49 7.07
C ALA A 128 20.96 -11.48 8.19
N SER A 129 21.72 -11.26 9.26
CA SER A 129 21.57 -12.04 10.51
C SER A 129 20.73 -11.30 11.55
N ALA A 130 20.21 -10.14 11.20
CA ALA A 130 19.38 -9.34 12.08
C ALA A 130 18.44 -8.53 11.18
N ASP A 131 17.39 -7.97 11.77
CA ASP A 131 16.45 -7.15 11.06
C ASP A 131 17.20 -5.95 10.44
N PHE A 132 16.68 -5.48 9.31
CA PHE A 132 17.25 -4.30 8.67
C PHE A 132 16.14 -3.53 7.98
N THR A 133 16.50 -2.37 7.44
CA THR A 133 15.55 -1.36 7.02
CA THR A 133 15.49 -1.43 6.94
C THR A 133 15.89 -0.86 5.61
N ILE A 134 14.87 -0.53 4.81
CA ILE A 134 15.04 0.17 3.55
C ILE A 134 14.23 1.46 3.68
N SER A 135 14.90 2.61 3.48
CA SER A 135 14.32 3.91 3.80
C SER A 135 14.38 4.82 2.59
N GLY A 136 13.21 5.34 2.20
CA GLY A 136 13.15 6.33 1.10
C GLY A 136 11.69 6.70 0.91
N THR A 137 11.45 7.56 -0.07
CA THR A 137 10.09 7.98 -0.37
C THR A 137 9.38 6.98 -1.26
N SER A 138 8.09 7.25 -1.53
CA SER A 138 7.29 6.41 -2.38
C SER A 138 7.70 6.34 -3.83
N THR A 139 8.59 7.25 -4.25
CA THR A 139 9.05 7.26 -5.63
C THR A 139 10.54 6.91 -5.75
N ASP A 140 11.21 6.71 -4.64
CA ASP A 140 12.62 6.35 -4.69
C ASP A 140 12.78 4.88 -5.12
N THR A 141 13.99 4.56 -5.58
CA THR A 141 14.28 3.22 -6.10
C THR A 141 15.59 2.68 -5.54
N TRP A 142 15.66 1.34 -5.59
CA TRP A 142 16.79 0.56 -5.14
C TRP A 142 17.06 -0.54 -6.15
N ILE A 143 18.33 -0.74 -6.52
CA ILE A 143 18.74 -1.93 -7.25
C ILE A 143 19.92 -2.52 -6.50
N PHE A 144 19.79 -3.78 -6.08
CA PHE A 144 20.78 -4.49 -5.30
C PHE A 144 21.39 -5.59 -6.19
N GLN A 145 22.62 -5.39 -6.63
CA GLN A 145 23.33 -6.33 -7.49
C GLN A 145 24.23 -7.21 -6.63
N ILE A 146 23.95 -8.52 -6.65
CA ILE A 146 24.62 -9.46 -5.75
C ILE A 146 25.26 -10.58 -6.57
N ASP A 147 26.58 -10.65 -6.54
CA ASP A 147 27.28 -11.67 -7.33
C ASP A 147 27.27 -13.03 -6.67
N GLY A 148 27.18 -13.07 -5.33
CA GLY A 148 27.14 -14.30 -4.60
C GLY A 148 25.71 -14.75 -4.29
N THR A 149 25.56 -15.38 -3.11
CA THR A 149 24.26 -15.81 -2.62
C THR A 149 23.59 -14.66 -1.87
N LEU A 150 22.28 -14.85 -1.64
CA LEU A 150 21.49 -13.93 -0.81
C LEU A 150 20.76 -14.74 0.24
N ASP A 151 20.84 -14.36 1.50
CA ASP A 151 20.09 -15.07 2.50
C ASP A 151 19.66 -14.14 3.62
N VAL A 152 18.55 -14.54 4.25
CA VAL A 152 18.06 -13.86 5.45
C VAL A 152 17.88 -14.94 6.50
N ALA A 153 18.43 -14.72 7.69
CA ALA A 153 18.39 -15.70 8.76
C ALA A 153 16.95 -15.81 9.32
N THR A 154 16.75 -16.96 9.99
CA THR A 154 15.41 -17.29 10.49
C THR A 154 14.83 -16.18 11.32
N GLY A 155 13.57 -15.87 11.05
CA GLY A 155 12.85 -14.94 11.82
C GLY A 155 13.21 -13.47 11.59
N LYS A 156 14.17 -13.16 10.73
CA LYS A 156 14.58 -11.77 10.54
C LYS A 156 13.81 -11.15 9.40
N GLN A 157 13.73 -9.83 9.41
CA GLN A 157 12.87 -9.11 8.51
C GLN A 157 13.45 -7.83 8.01
N ILE A 158 13.12 -7.51 6.77
CA ILE A 158 13.25 -6.19 6.20
CA ILE A 158 13.36 -6.17 6.32
C ILE A 158 12.03 -5.41 6.41
N THR A 159 12.13 -4.18 6.90
CA THR A 159 11.01 -3.25 7.00
CA THR A 159 10.96 -3.33 6.84
C THR A 159 11.25 -2.08 6.04
N LEU A 160 10.21 -1.66 5.34
CA LEU A 160 10.22 -0.47 4.52
C LEU A 160 9.75 0.71 5.34
N VAL A 161 10.48 1.81 5.29
CA VAL A 161 10.13 3.02 6.03
C VAL A 161 10.24 4.21 5.10
N GLY A 162 9.60 5.31 5.51
CA GLY A 162 9.74 6.58 4.82
C GLY A 162 8.82 6.81 3.65
N GLY A 163 8.07 5.77 3.27
CA GLY A 163 7.29 5.76 2.05
C GLY A 163 7.77 4.72 1.05
N ALA A 164 8.95 4.12 1.25
CA ALA A 164 9.53 3.16 0.33
C ALA A 164 8.49 2.10 -0.05
N GLN A 165 8.46 1.74 -1.33
CA GLN A 165 7.53 0.73 -1.86
C GLN A 165 8.29 -0.45 -2.43
N ALA A 166 7.80 -1.64 -2.14
CA ALA A 166 8.42 -2.87 -2.66
C ALA A 166 8.46 -2.93 -4.16
N LYS A 167 7.48 -2.35 -4.85
CA LYS A 167 7.51 -2.36 -6.32
C LYS A 167 8.74 -1.63 -6.87
N ASN A 168 9.36 -0.77 -6.08
CA ASN A 168 10.51 0.02 -6.49
C ASN A 168 11.85 -0.54 -6.05
N ILE A 169 11.85 -1.79 -5.58
CA ILE A 169 13.03 -2.49 -5.11
C ILE A 169 13.32 -3.68 -6.00
N ILE A 170 14.57 -3.78 -6.48
CA ILE A 170 15.04 -4.91 -7.26
C ILE A 170 16.24 -5.53 -6.60
N TRP A 171 16.26 -6.87 -6.49
CA TRP A 171 17.43 -7.65 -6.13
C TRP A 171 17.79 -8.48 -7.36
N VAL A 172 19.00 -8.34 -7.88
CA VAL A 172 19.44 -9.15 -9.02
C VAL A 172 20.60 -9.98 -8.53
N VAL A 173 20.41 -11.30 -8.45
CA VAL A 173 21.22 -12.16 -7.66
C VAL A 173 21.70 -13.34 -8.52
N ALA A 174 23.02 -13.57 -8.53
CA ALA A 174 23.56 -14.67 -9.33
C ALA A 174 23.49 -16.03 -8.59
N GLY A 175 23.80 -16.05 -7.33
CA GLY A 175 23.80 -17.28 -6.55
C GLY A 175 22.43 -17.59 -5.97
N ALA A 176 22.36 -18.69 -5.23
CA ALA A 176 21.09 -19.09 -4.64
C ALA A 176 20.58 -18.02 -3.68
N VAL A 177 19.23 -17.96 -3.63
CA VAL A 177 18.50 -17.11 -2.69
C VAL A 177 17.84 -17.99 -1.66
N ASN A 178 18.15 -17.79 -0.39
CA ASN A 178 17.61 -18.62 0.70
C ASN A 178 17.05 -17.75 1.80
N ILE A 179 15.71 -17.70 1.86
CA ILE A 179 14.98 -16.91 2.85
C ILE A 179 14.51 -17.93 3.93
N GLU A 180 15.13 -17.86 5.11
CA GLU A 180 14.95 -18.87 6.10
C GLU A 180 13.55 -18.77 6.77
N VAL A 181 13.32 -19.81 7.59
CA VAL A 181 12.02 -20.01 8.25
C VAL A 181 11.55 -18.73 8.93
N GLY A 182 10.35 -18.29 8.63
CA GLY A 182 9.78 -17.17 9.32
C GLY A 182 10.36 -15.79 8.95
N ALA A 183 11.33 -15.73 8.02
CA ALA A 183 11.86 -14.43 7.62
C ALA A 183 10.91 -13.70 6.71
N LYS A 184 11.09 -12.38 6.59
CA LYS A 184 10.22 -11.55 5.81
C LYS A 184 11.06 -10.66 4.89
N PHE A 185 10.77 -10.73 3.61
CA PHE A 185 11.54 -10.03 2.58
C PHE A 185 10.66 -9.10 1.77
N GLU A 186 11.29 -8.16 1.06
CA GLU A 186 10.61 -7.13 0.30
C GLU A 186 11.34 -6.94 -1.04
N GLY A 187 10.57 -6.84 -2.13
CA GLY A 187 11.07 -6.45 -3.43
C GLY A 187 10.98 -7.53 -4.49
N THR A 188 11.33 -7.14 -5.71
CA THR A 188 11.36 -8.05 -6.83
C THR A 188 12.72 -8.72 -6.92
N ILE A 189 12.73 -10.04 -6.92
CA ILE A 189 13.95 -10.84 -7.01
C ILE A 189 14.09 -11.35 -8.44
N LEU A 190 15.18 -10.95 -9.10
CA LEU A 190 15.60 -11.49 -10.38
C LEU A 190 16.73 -12.47 -10.09
N ALA A 191 16.45 -13.75 -10.22
CA ALA A 191 17.37 -14.81 -9.79
C ALA A 191 17.81 -15.63 -10.99
N LYS A 192 19.08 -15.99 -10.95
CA LYS A 192 19.64 -16.94 -11.91
C LYS A 192 19.65 -18.42 -11.39
N THR A 193 19.66 -18.58 -10.08
CA THR A 193 19.78 -19.85 -9.29
C THR A 193 18.55 -20.03 -8.45
N ALA A 194 18.38 -21.20 -7.94
CA ALA A 194 17.23 -21.54 -7.15
C ALA A 194 16.89 -20.50 -6.08
N VAL A 195 15.58 -20.24 -5.93
CA VAL A 195 15.07 -19.38 -4.89
C VAL A 195 14.24 -20.24 -3.93
N THR A 196 14.53 -20.16 -2.64
CA THR A 196 13.80 -20.92 -1.61
C THR A 196 13.30 -19.97 -0.53
N PHE A 197 12.00 -20.09 -0.24
CA PHE A 197 11.34 -19.43 0.89
C PHE A 197 10.90 -20.52 1.85
N LYS A 198 11.57 -20.62 2.97
CA LYS A 198 11.35 -21.70 3.90
C LYS A 198 10.14 -21.41 4.82
N THR A 199 9.78 -22.42 5.62
CA THR A 199 8.47 -22.46 6.31
C THR A 199 8.01 -21.13 6.86
N GLY A 200 6.84 -20.65 6.45
CA GLY A 200 6.29 -19.51 7.06
C GLY A 200 6.99 -18.18 6.79
N SER A 201 7.92 -18.17 5.86
CA SER A 201 8.52 -16.91 5.40
C SER A 201 7.54 -16.15 4.54
N SER A 202 7.91 -14.91 4.22
CA SER A 202 7.08 -14.09 3.37
CA SER A 202 7.04 -13.99 3.48
C SER A 202 7.86 -13.19 2.49
N LEU A 203 7.20 -12.79 1.42
CA LEU A 203 7.69 -11.81 0.47
C LEU A 203 6.58 -10.90 0.10
N ASN A 204 6.83 -9.57 0.13
CA ASN A 204 6.00 -8.57 -0.52
C ASN A 204 6.83 -8.14 -1.73
N GLY A 205 6.49 -8.60 -2.91
CA GLY A 205 7.40 -8.46 -4.03
C GLY A 205 7.03 -9.36 -5.17
N ARG A 206 8.04 -10.00 -5.76
CA ARG A 206 7.86 -10.81 -6.89
CA ARG A 206 7.89 -10.89 -6.94
C ARG A 206 9.12 -11.74 -7.00
N ILE A 207 8.96 -12.94 -7.52
CA ILE A 207 10.09 -13.86 -7.75
C ILE A 207 10.13 -14.16 -9.26
N LEU A 208 11.21 -13.77 -9.92
CA LEU A 208 11.41 -13.98 -11.35
C LEU A 208 12.69 -14.81 -11.45
N ALA A 209 12.52 -16.14 -11.50
CA ALA A 209 13.62 -17.08 -11.38
C ALA A 209 13.86 -17.81 -12.71
N GLN A 210 15.13 -17.86 -13.12
CA GLN A 210 15.48 -18.56 -14.34
C GLN A 210 15.62 -20.06 -14.17
N THR A 211 15.58 -20.58 -12.94
CA THR A 211 15.48 -22.01 -12.70
C THR A 211 14.18 -22.25 -11.93
N SER A 212 14.28 -22.61 -10.66
CA SER A 212 13.15 -23.10 -9.86
C SER A 212 12.91 -22.18 -8.67
N VAL A 213 11.69 -22.28 -8.16
CA VAL A 213 11.25 -21.62 -6.94
C VAL A 213 10.69 -22.70 -6.02
N ALA A 214 11.14 -22.70 -4.76
CA ALA A 214 10.66 -23.65 -3.75
C ALA A 214 10.07 -22.86 -2.60
N LEU A 215 8.79 -23.09 -2.31
CA LEU A 215 8.08 -22.43 -1.24
C LEU A 215 7.72 -23.45 -0.17
N GLN A 216 7.79 -23.05 1.08
CA GLN A 216 7.36 -23.89 2.19
C GLN A 216 6.38 -23.02 3.01
N SER A 217 5.10 -23.30 2.82
CA SER A 217 4.01 -22.56 3.50
C SER A 217 4.35 -21.06 3.61
N ALA A 218 4.66 -20.49 2.47
CA ALA A 218 5.13 -19.09 2.41
C ALA A 218 4.03 -18.17 1.99
N THR A 219 4.11 -16.90 2.42
CA THR A 219 3.12 -15.89 2.09
C THR A 219 3.78 -14.95 1.09
N ILE A 220 3.33 -14.97 -0.18
CA ILE A 220 3.97 -14.27 -1.27
C ILE A 220 2.94 -13.32 -1.86
N VAL A 221 3.12 -12.02 -1.64
CA VAL A 221 2.16 -11.01 -1.99
C VAL A 221 2.73 -10.13 -3.14
N GLU A 222 2.07 -10.08 -4.28
CA GLU A 222 2.60 -9.32 -5.38
C GLU A 222 2.68 -7.85 -5.08
N LYS A 223 3.83 -7.26 -5.39
CA LYS A 223 4.05 -5.81 -5.35
C LYS A 223 4.72 -5.41 -6.64
N ALA B 1 -13.07 13.52 -16.44
CA ALA B 1 -14.23 12.66 -16.15
C ALA B 1 -14.49 12.73 -14.64
N GLY B 2 -15.76 12.54 -14.29
CA GLY B 2 -16.19 12.56 -12.92
C GLY B 2 -16.93 13.83 -12.61
N PRO B 3 -17.50 13.88 -11.43
CA PRO B 3 -18.38 14.98 -11.00
C PRO B 3 -17.57 16.24 -10.70
N SER B 4 -18.26 17.39 -10.74
CA SER B 4 -17.56 18.63 -10.36
C SER B 4 -17.10 18.56 -8.92
N ALA B 5 -16.01 19.26 -8.66
CA ALA B 5 -15.37 19.20 -7.34
C ALA B 5 -16.28 19.65 -6.24
N VAL B 6 -16.09 19.04 -5.06
CA VAL B 6 -16.80 19.44 -3.84
C VAL B 6 -16.06 20.58 -3.18
N PRO B 7 -16.71 21.72 -2.95
CA PRO B 7 -16.00 22.84 -2.30
C PRO B 7 -15.87 22.53 -0.80
N LEU B 8 -14.62 22.61 -0.32
CA LEU B 8 -14.36 22.37 1.11
C LEU B 8 -14.29 23.67 1.89
N GLY B 9 -14.14 24.81 1.22
CA GLY B 9 -13.91 26.05 1.94
C GLY B 9 -12.75 25.91 2.90
N THR B 10 -12.87 26.52 4.07
CA THR B 10 -11.77 26.51 5.01
C THR B 10 -11.62 25.17 5.72
N ALA B 11 -12.57 24.24 5.55
CA ALA B 11 -12.32 22.88 6.04
C ALA B 11 -11.16 22.24 5.28
N GLY B 12 -10.88 22.72 4.04
CA GLY B 12 -9.74 22.27 3.32
C GLY B 12 -8.41 22.78 3.81
N ASN B 13 -8.41 23.50 4.93
CA ASN B 13 -7.18 23.92 5.58
C ASN B 13 -6.75 22.95 6.70
N TYR B 14 -7.50 21.87 6.91
CA TYR B 14 -7.23 20.94 7.98
C TYR B 14 -7.03 19.55 7.41
N VAL B 15 -6.09 18.80 8.00
CA VAL B 15 -6.04 17.37 7.73
C VAL B 15 -7.08 16.58 8.55
N ILE B 16 -7.35 17.04 9.78
CA ILE B 16 -8.40 16.48 10.60
C ILE B 16 -9.19 17.63 11.20
N LEU B 17 -10.50 17.61 10.99
CA LEU B 17 -11.41 18.55 11.63
C LEU B 17 -12.54 17.73 12.21
N ALA B 18 -12.82 17.92 13.50
CA ALA B 18 -13.83 17.16 14.20
C ALA B 18 -14.68 18.08 15.04
N SER B 19 -15.76 17.54 15.56
CA SER B 19 -16.59 18.37 16.43
CA SER B 19 -16.77 18.24 16.37
C SER B 19 -16.58 17.98 17.87
N THR B 20 -16.49 16.69 18.23
CA THR B 20 -16.56 16.27 19.62
C THR B 20 -15.23 15.79 20.18
N GLY B 21 -14.23 15.50 19.35
CA GLY B 21 -12.94 15.10 19.87
C GLY B 21 -12.10 14.47 18.79
N VAL B 22 -10.78 14.41 19.09
CA VAL B 22 -9.83 13.63 18.32
C VAL B 22 -8.94 12.91 19.34
N SER B 23 -8.87 11.60 19.26
CA SER B 23 -8.01 10.83 20.15
C SER B 23 -6.90 10.15 19.35
N THR B 24 -5.75 9.92 20.01
CA THR B 24 -4.68 9.18 19.42
CA THR B 24 -4.67 9.18 19.42
C THR B 24 -4.08 8.23 20.46
N VAL B 25 -3.88 7.00 20.04
CA VAL B 25 -2.97 6.06 20.73
C VAL B 25 -1.60 6.26 20.10
N PRO B 26 -0.62 6.76 20.84
CA PRO B 26 0.62 7.13 20.16
C PRO B 26 1.31 5.90 19.57
N GLN B 27 2.13 6.08 18.55
CA GLN B 27 2.46 7.33 17.90
C GLN B 27 1.79 7.47 16.54
N SER B 28 0.81 8.34 16.43
CA SER B 28 0.32 8.76 15.12
C SER B 28 1.29 9.75 14.49
N VAL B 29 1.25 9.83 13.16
CA VAL B 29 2.11 10.71 12.40
C VAL B 29 1.21 11.45 11.43
N ILE B 30 0.85 12.67 11.81
CA ILE B 30 -0.18 13.45 11.12
C ILE B 30 0.51 14.65 10.47
N THR B 31 0.23 14.92 9.20
CA THR B 31 0.76 16.09 8.52
C THR B 31 -0.39 16.96 8.12
N GLY B 32 -0.46 18.13 8.74
CA GLY B 32 -1.51 19.11 8.55
C GLY B 32 -2.12 19.56 9.88
N ALA B 33 -3.01 20.54 9.80
CA ALA B 33 -3.65 21.11 10.97
C ALA B 33 -4.75 20.18 11.47
N VAL B 34 -4.88 20.13 12.81
CA VAL B 34 -5.91 19.36 13.48
C VAL B 34 -6.76 20.32 14.30
N GLY B 35 -8.07 20.34 14.03
CA GLY B 35 -8.97 21.23 14.74
C GLY B 35 -10.17 20.49 15.30
N VAL B 36 -10.70 21.01 16.40
CA VAL B 36 -11.93 20.51 16.97
C VAL B 36 -12.78 21.67 17.46
N SER B 37 -14.09 21.62 17.14
CA SER B 37 -15.02 22.60 17.67
C SER B 37 -16.44 22.10 17.43
N PRO B 38 -17.35 22.25 18.41
CA PRO B 38 -17.21 23.01 19.66
C PRO B 38 -16.48 22.29 20.76
N GLY B 39 -15.99 21.06 20.52
CA GLY B 39 -15.14 20.41 21.50
C GLY B 39 -13.95 21.30 21.86
N THR B 40 -13.50 21.18 23.09
CA THR B 40 -12.40 21.97 23.58
C THR B 40 -11.06 21.24 23.36
N ALA B 41 -9.98 21.88 23.73
CA ALA B 41 -8.67 21.23 23.65
C ALA B 41 -8.62 19.96 24.50
N ALA B 42 -9.38 19.90 25.60
CA ALA B 42 -9.43 18.70 26.42
C ALA B 42 -10.01 17.52 25.66
N SER B 43 -10.72 17.76 24.58
CA SER B 43 -11.24 16.67 23.73
C SER B 43 -10.20 16.19 22.70
N LEU B 44 -9.05 16.83 22.63
CA LEU B 44 -7.88 16.32 21.87
C LEU B 44 -7.10 15.49 22.90
N THR B 45 -7.12 14.17 22.77
CA THR B 45 -6.55 13.29 23.78
C THR B 45 -5.44 12.45 23.17
N GLY B 46 -4.39 12.24 23.98
CA GLY B 46 -3.25 11.44 23.58
C GLY B 46 -2.14 12.17 22.91
N PHE B 47 -2.26 13.48 22.71
CA PHE B 47 -1.31 14.26 21.95
C PHE B 47 -0.19 14.89 22.75
N SER B 48 -0.26 14.86 24.08
CA SER B 48 0.74 15.55 24.92
C SER B 48 1.02 16.95 24.38
N LEU B 49 -0.04 17.76 24.39
CA LEU B 49 -0.01 19.08 23.77
C LEU B 49 0.89 20.09 24.49
N ILE B 50 1.57 20.91 23.73
CA ILE B 50 2.34 22.02 24.25
C ILE B 50 1.66 23.30 23.72
N LEU B 51 1.11 24.09 24.63
CA LEU B 51 0.44 25.32 24.21
C LEU B 51 1.43 26.34 23.70
N SER B 52 1.10 27.03 22.60
CA SER B 52 1.93 28.08 22.11
CA SER B 52 1.89 28.14 22.05
C SER B 52 2.03 29.23 23.07
N GLY B 53 3.07 30.02 22.94
CA GLY B 53 3.21 31.23 23.73
C GLY B 53 2.07 32.22 23.52
N THR B 54 1.45 32.20 22.35
CA THR B 54 0.35 33.07 22.02
C THR B 54 -0.98 32.58 22.57
N GLY B 55 -1.06 31.31 22.97
CA GLY B 55 -2.32 30.75 23.44
C GLY B 55 -3.33 30.39 22.36
N THR B 56 -3.01 30.56 21.09
CA THR B 56 -3.99 30.34 20.06
C THR B 56 -3.93 28.95 19.43
N PHE B 57 -2.90 28.19 19.72
CA PHE B 57 -2.73 26.83 19.15
C PHE B 57 -1.80 26.05 20.06
N SER B 58 -1.68 24.76 19.75
CA SER B 58 -0.74 23.90 20.45
CA SER B 58 -0.73 23.88 20.44
C SER B 58 0.00 23.03 19.41
N THR B 59 1.05 22.38 19.89
CA THR B 59 1.85 21.48 19.08
C THR B 59 2.02 20.14 19.79
N SER B 60 2.38 19.15 18.98
CA SER B 60 2.56 17.76 19.44
C SER B 60 3.63 17.12 18.60
N SER B 61 4.33 16.14 19.15
CA SER B 61 5.25 15.32 18.32
C SER B 61 4.52 14.51 17.28
N GLN B 62 3.21 14.31 17.43
CA GLN B 62 2.42 13.52 16.49
C GLN B 62 1.89 14.33 15.29
N VAL B 63 2.12 15.65 15.27
CA VAL B 63 1.51 16.50 14.25
C VAL B 63 2.55 17.45 13.69
N THR B 64 2.68 17.48 12.37
CA THR B 64 3.43 18.56 11.69
C THR B 64 2.37 19.55 11.26
N GLY B 65 2.22 20.61 12.04
CA GLY B 65 1.10 21.53 11.95
C GLY B 65 0.62 21.95 13.31
N GLN B 66 -0.39 22.80 13.32
CA GLN B 66 -0.97 23.29 14.56
C GLN B 66 -2.20 22.50 14.95
N LEU B 67 -2.38 22.32 16.26
CA LEU B 67 -3.64 21.82 16.81
C LEU B 67 -4.41 22.99 17.42
N THR B 68 -5.72 22.99 17.20
CA THR B 68 -6.60 24.01 17.75
C THR B 68 -7.89 23.39 18.28
N GLY B 69 -8.40 24.00 19.35
CA GLY B 69 -9.68 23.66 19.90
C GLY B 69 -10.46 24.91 20.25
N ALA B 70 -11.74 24.71 20.58
CA ALA B 70 -12.68 25.80 20.67
C ALA B 70 -12.42 26.77 21.80
N ASP B 71 -11.65 26.38 22.80
CA ASP B 71 -11.36 27.21 23.96
C ASP B 71 -10.02 27.91 23.91
N TYR B 72 -9.30 27.81 22.77
CA TYR B 72 -8.07 28.57 22.62
C TYR B 72 -8.37 30.05 22.34
N GLY B 73 -7.32 30.86 22.33
CA GLY B 73 -7.49 32.29 22.24
C GLY B 73 -7.93 32.74 20.85
N THR B 74 -8.72 33.83 20.84
CA THR B 74 -9.16 34.47 19.62
C THR B 74 -7.94 34.79 18.75
N PRO B 75 -8.00 34.60 17.41
CA PRO B 75 -9.20 34.30 16.63
C PRO B 75 -9.52 32.79 16.46
N THR B 76 -8.82 31.92 17.15
CA THR B 76 -9.00 30.48 16.93
C THR B 76 -10.46 30.01 16.99
N PRO B 77 -11.25 30.37 18.04
CA PRO B 77 -12.61 29.79 18.11
C PRO B 77 -13.44 30.13 16.92
N SER B 78 -13.34 31.38 16.45
CA SER B 78 -14.22 31.75 15.35
CA SER B 78 -14.10 31.88 15.34
C SER B 78 -13.67 31.20 14.00
N ILE B 79 -12.34 31.05 13.85
CA ILE B 79 -11.81 30.38 12.68
C ILE B 79 -12.30 28.95 12.62
N LEU B 80 -12.29 28.26 13.78
CA LEU B 80 -12.79 26.90 13.82
C LEU B 80 -14.27 26.86 13.49
N THR B 81 -15.08 27.77 14.02
CA THR B 81 -16.52 27.74 13.73
C THR B 81 -16.76 27.90 12.24
N THR B 82 -15.99 28.77 11.56
CA THR B 82 -16.13 28.93 10.11
C THR B 82 -15.77 27.61 9.41
N ALA B 83 -14.71 26.95 9.84
CA ALA B 83 -14.30 25.67 9.25
C ALA B 83 -15.38 24.60 9.47
N ILE B 84 -15.95 24.52 10.65
CA ILE B 84 -17.03 23.58 10.94
C ILE B 84 -18.20 23.85 10.00
N GLY B 85 -18.53 25.11 9.79
CA GLY B 85 -19.61 25.45 8.87
C GLY B 85 -19.30 25.04 7.49
N ASP B 86 -18.06 25.25 7.04
CA ASP B 86 -17.65 24.88 5.69
C ASP B 86 -17.64 23.35 5.53
N MET B 87 -17.27 22.62 6.58
CA MET B 87 -17.40 21.16 6.54
C MET B 87 -18.86 20.75 6.36
N GLY B 88 -19.77 21.39 7.08
CA GLY B 88 -21.18 21.07 6.94
C GLY B 88 -21.68 21.32 5.54
N THR B 89 -21.27 22.45 4.95
CA THR B 89 -21.62 22.79 3.58
C THR B 89 -21.08 21.76 2.60
N ALA B 90 -19.84 21.33 2.82
CA ALA B 90 -19.21 20.35 1.94
C ALA B 90 -19.96 19.03 2.01
N IYR B 91 -20.30 18.59 3.22
CA IYR B 91 -21.01 17.32 3.37
CA IYR B 91 -21.09 17.38 3.45
CB IYR B 91 -21.20 17.00 4.89
CB IYR B 91 -21.53 17.39 4.91
CC IYR B 91 -21.92 15.67 5.12
CC IYR B 91 -22.52 16.25 5.05
CD IYR B 91 -21.17 14.53 5.44
CD IYR B 91 -22.01 15.01 5.36
CE IYR B 91 -21.79 13.31 5.59
CE IYR B 91 -22.85 13.91 5.48
IE IYR B 91 -20.73 11.59 6.05
IE IYR B 91 -22.07 12.06 5.97
CF IYR B 91 -23.17 13.18 5.40
CF IYR B 91 -24.29 14.04 5.29
OF IYR B 91 -23.71 11.92 5.55
OF IYR B 91 -25.08 12.94 5.39
CG IYR B 91 -23.90 14.32 5.10
CG IYR B 91 -24.74 15.29 4.96
CH IYR B 91 -23.28 15.55 4.95
CH IYR B 91 -23.88 16.38 4.86
C IYR B 91 -22.34 17.38 2.61
O IYR B 91 -22.67 16.48 1.86
N ILE B 92 -23.11 18.46 2.81
CA ILE B 92 -24.38 18.59 2.10
C ILE B 92 -24.17 18.61 0.59
N ASN B 93 -23.17 19.35 0.12
CA ASN B 93 -22.88 19.46 -1.30
C ASN B 93 -22.63 18.07 -1.88
N ALA B 94 -21.75 17.31 -1.22
CA ALA B 94 -21.41 15.99 -1.74
C ALA B 94 -22.57 15.01 -1.61
N ALA B 95 -23.30 15.04 -0.47
CA ALA B 95 -24.35 14.08 -0.21
C ALA B 95 -25.56 14.30 -1.10
N THR B 96 -25.76 15.52 -1.61
CA THR B 96 -26.96 15.81 -2.39
CA THR B 96 -26.94 15.88 -2.39
C THR B 96 -26.73 15.73 -3.89
N ARG B 97 -25.51 15.39 -4.32
CA ARG B 97 -25.29 15.18 -5.73
C ARG B 97 -26.24 14.13 -6.25
N SER B 98 -26.77 14.36 -7.47
CA SER B 98 -27.72 13.47 -8.11
C SER B 98 -27.18 12.96 -9.42
N GLY B 99 -27.84 11.92 -9.92
CA GLY B 99 -27.47 11.37 -11.23
C GLY B 99 -26.19 10.54 -11.17
N PRO B 100 -26.13 9.52 -10.34
CA PRO B 100 -24.91 8.76 -10.20
C PRO B 100 -24.58 8.01 -11.50
N ASP B 101 -23.28 7.83 -11.72
CA ASP B 101 -22.79 6.94 -12.75
C ASP B 101 -22.92 5.47 -12.35
N PHE B 102 -22.84 5.21 -11.03
CA PHE B 102 -22.83 3.87 -10.48
C PHE B 102 -23.72 3.84 -9.25
N LEU B 103 -24.73 3.01 -9.26
CA LEU B 103 -25.72 2.94 -8.18
C LEU B 103 -25.77 1.52 -7.65
N GLU B 104 -25.45 1.36 -6.36
CA GLU B 104 -25.43 0.04 -5.71
C GLU B 104 -24.38 -0.88 -6.37
N ILE B 105 -23.30 -0.34 -6.93
CA ILE B 105 -22.41 -1.18 -7.71
C ILE B 105 -21.76 -2.22 -6.77
N TYR B 106 -21.76 -3.46 -7.24
CA TYR B 106 -21.17 -4.59 -6.51
C TYR B 106 -21.82 -4.78 -5.13
N THR B 107 -23.04 -4.23 -4.95
CA THR B 107 -23.72 -4.19 -3.65
C THR B 107 -22.78 -3.72 -2.53
N GLY B 108 -21.88 -2.81 -2.85
CA GLY B 108 -21.03 -2.22 -1.86
C GLY B 108 -19.74 -2.93 -1.54
N ALA B 109 -19.44 -4.02 -2.24
CA ALA B 109 -18.19 -4.78 -2.02
C ALA B 109 -17.12 -4.25 -2.96
N LEU B 110 -16.14 -3.56 -2.43
CA LEU B 110 -15.13 -2.94 -3.25
C LEU B 110 -13.87 -3.80 -3.43
N GLY B 111 -13.73 -4.88 -2.69
CA GLY B 111 -12.54 -5.68 -2.82
C GLY B 111 -12.29 -6.11 -4.25
N GLY B 112 -11.05 -5.98 -4.71
CA GLY B 112 -10.67 -6.42 -6.04
C GLY B 112 -11.07 -5.52 -7.18
N THR B 113 -11.76 -4.41 -6.92
CA THR B 113 -12.28 -3.57 -7.98
C THR B 113 -11.25 -2.57 -8.50
N THR B 114 -11.56 -2.02 -9.68
CA THR B 114 -10.81 -0.95 -10.29
C THR B 114 -11.84 0.13 -10.62
N LEU B 115 -11.86 1.21 -9.83
CA LEU B 115 -12.96 2.16 -9.82
C LEU B 115 -12.62 3.38 -10.67
N LEU B 116 -13.38 3.56 -11.74
CA LEU B 116 -13.19 4.66 -12.68
C LEU B 116 -13.87 5.92 -12.15
N PRO B 117 -13.52 7.09 -12.71
CA PRO B 117 -14.13 8.34 -12.24
C PRO B 117 -15.62 8.32 -12.31
N GLY B 118 -16.26 9.02 -11.39
CA GLY B 118 -17.69 9.08 -11.40
C GLY B 118 -18.27 9.45 -10.04
N LEU B 119 -19.60 9.59 -10.06
CA LEU B 119 -20.43 9.72 -8.88
C LEU B 119 -21.01 8.33 -8.59
N TYR B 120 -20.72 7.84 -7.39
CA TYR B 120 -21.15 6.53 -6.91
C TYR B 120 -22.09 6.73 -5.74
N LYS B 121 -23.19 5.97 -5.71
CA LYS B 121 -24.14 5.99 -4.59
C LYS B 121 -24.41 4.58 -4.15
N TRP B 122 -24.36 4.37 -2.84
CA TRP B 122 -24.84 3.13 -2.21
C TRP B 122 -25.82 3.51 -1.08
N THR B 123 -26.95 2.82 -1.06
CA THR B 123 -27.86 2.93 0.07
C THR B 123 -27.52 1.95 1.18
N SER B 124 -26.59 1.07 0.94
CA SER B 124 -26.08 0.08 1.89
C SER B 124 -24.83 0.59 2.58
N SER B 125 -24.27 -0.26 3.42
CA SER B 125 -22.89 -0.15 3.82
C SER B 125 -21.96 -0.55 2.65
N VAL B 126 -20.69 -0.14 2.80
CA VAL B 126 -19.66 -0.39 1.81
C VAL B 126 -18.45 -0.93 2.54
N GLY B 127 -17.82 -1.93 1.96
CA GLY B 127 -16.66 -2.58 2.59
C GLY B 127 -15.65 -2.95 1.53
N ALA B 128 -14.42 -3.15 1.98
CA ALA B 128 -13.38 -3.73 1.14
C ALA B 128 -12.69 -4.83 1.90
N SER B 129 -12.86 -6.07 1.44
CA SER B 129 -12.23 -7.23 2.07
C SER B 129 -10.94 -7.60 1.33
N ALA B 130 -10.55 -6.84 0.31
CA ALA B 130 -9.33 -7.06 -0.44
C ALA B 130 -8.89 -5.70 -0.96
N ASP B 131 -7.63 -5.64 -1.39
CA ASP B 131 -7.09 -4.43 -2.03
C ASP B 131 -7.97 -4.03 -3.20
N PHE B 132 -8.01 -2.73 -3.48
CA PHE B 132 -8.69 -2.24 -4.68
C PHE B 132 -7.96 -1.03 -5.22
N THR B 133 -8.37 -0.60 -6.41
CA THR B 133 -7.71 0.44 -7.16
C THR B 133 -8.69 1.52 -7.54
N ILE B 134 -8.21 2.75 -7.54
CA ILE B 134 -8.93 3.91 -8.09
C ILE B 134 -8.06 4.38 -9.28
N SER B 135 -8.68 4.41 -10.48
CA SER B 135 -7.97 4.58 -11.72
C SER B 135 -8.51 5.74 -12.54
N GLY B 136 -7.64 6.72 -12.81
CA GLY B 136 -8.06 7.86 -13.63
C GLY B 136 -6.92 8.83 -13.73
N THR B 137 -7.15 9.96 -14.41
CA THR B 137 -6.07 10.92 -14.59
C THR B 137 -5.92 11.84 -13.40
N SER B 138 -4.93 12.73 -13.49
CA SER B 138 -4.67 13.70 -12.44
C SER B 138 -5.75 14.75 -12.27
N THR B 139 -6.69 14.87 -13.22
CA THR B 139 -7.75 15.84 -13.09
C THR B 139 -9.13 15.21 -12.96
N ASP B 140 -9.18 13.87 -13.02
CA ASP B 140 -10.46 13.19 -12.85
C ASP B 140 -10.91 13.22 -11.38
N THR B 141 -12.20 13.01 -11.16
CA THR B 141 -12.77 13.09 -9.83
C THR B 141 -13.67 11.88 -9.55
N TRP B 142 -13.80 11.64 -8.22
CA TRP B 142 -14.62 10.57 -7.67
C TRP B 142 -15.39 11.15 -6.48
N ILE B 143 -16.69 10.87 -6.41
CA ILE B 143 -17.48 11.10 -5.20
C ILE B 143 -18.17 9.81 -4.87
N PHE B 144 -17.91 9.30 -3.68
CA PHE B 144 -18.47 8.04 -3.16
C PHE B 144 -19.46 8.35 -2.07
N GLN B 145 -20.77 8.21 -2.35
CA GLN B 145 -21.85 8.51 -1.41
C GLN B 145 -22.28 7.21 -0.76
N ILE B 146 -22.13 7.12 0.58
CA ILE B 146 -22.35 5.89 1.31
C ILE B 146 -23.35 6.16 2.43
N ASP B 147 -24.51 5.52 2.37
CA ASP B 147 -25.54 5.74 3.40
C ASP B 147 -25.29 4.94 4.66
N GLY B 148 -24.61 3.80 4.56
CA GLY B 148 -24.29 2.96 5.68
C GLY B 148 -22.91 3.26 6.22
N THR B 149 -22.30 2.22 6.80
CA THR B 149 -20.93 2.31 7.28
C THR B 149 -19.95 2.14 6.10
N LEU B 150 -18.69 2.50 6.36
CA LEU B 150 -17.58 2.26 5.46
C LEU B 150 -16.51 1.54 6.26
N ASP B 151 -16.10 0.36 5.77
CA ASP B 151 -15.13 -0.46 6.46
C ASP B 151 -14.06 -0.94 5.44
N VAL B 152 -12.81 -0.92 5.86
CA VAL B 152 -11.73 -1.53 5.08
C VAL B 152 -11.01 -2.52 5.96
N ALA B 153 -10.92 -3.77 5.51
CA ALA B 153 -10.42 -4.86 6.30
C ALA B 153 -8.90 -4.73 6.58
N THR B 154 -8.47 -5.50 7.60
CA THR B 154 -7.07 -5.43 8.04
C THR B 154 -6.10 -5.62 6.91
N GLY B 155 -5.13 -4.72 6.84
CA GLY B 155 -4.04 -4.75 5.90
C GLY B 155 -4.39 -4.43 4.46
N LYS B 156 -5.65 -4.14 4.15
CA LYS B 156 -6.00 -3.91 2.75
C LYS B 156 -5.75 -2.48 2.34
N GLN B 157 -5.55 -2.26 1.06
CA GLN B 157 -5.09 -0.98 0.57
C GLN B 157 -5.79 -0.54 -0.69
N ILE B 158 -5.88 0.78 -0.84
CA ILE B 158 -6.24 1.41 -2.08
C ILE B 158 -4.99 1.81 -2.83
N THR B 159 -4.88 1.42 -4.10
CA THR B 159 -3.85 1.90 -5.00
C THR B 159 -4.43 2.92 -5.97
N LEU B 160 -3.77 4.07 -6.14
CA LEU B 160 -4.10 5.04 -7.16
C LEU B 160 -3.29 4.76 -8.41
N VAL B 161 -3.93 4.74 -9.55
CA VAL B 161 -3.24 4.54 -10.82
C VAL B 161 -3.75 5.54 -11.85
N GLY B 162 -2.86 5.84 -12.83
CA GLY B 162 -3.21 6.68 -13.95
C GLY B 162 -2.94 8.17 -13.80
N GLY B 163 -2.57 8.57 -12.57
CA GLY B 163 -2.44 9.94 -12.21
C GLY B 163 -3.47 10.39 -11.19
N ALA B 164 -4.44 9.53 -10.87
CA ALA B 164 -5.47 9.83 -9.90
C ALA B 164 -4.84 10.43 -8.65
N GLN B 165 -5.47 11.49 -8.12
CA GLN B 165 -4.96 12.19 -6.95
C GLN B 165 -5.98 12.12 -5.82
N ALA B 166 -5.47 11.88 -4.59
CA ALA B 166 -6.30 11.84 -3.40
C ALA B 166 -7.10 13.10 -3.19
N LYS B 167 -6.56 14.28 -3.57
CA LYS B 167 -7.30 15.52 -3.38
C LYS B 167 -8.58 15.54 -4.20
N ASN B 168 -8.67 14.68 -5.22
CA ASN B 168 -9.83 14.64 -6.14
C ASN B 168 -10.81 13.53 -5.82
N ILE B 169 -10.62 12.88 -4.66
CA ILE B 169 -11.48 11.79 -4.21
C ILE B 169 -12.22 12.22 -2.96
N ILE B 170 -13.55 12.06 -2.95
CA ILE B 170 -14.39 12.35 -1.81
C ILE B 170 -15.17 11.10 -1.43
N TRP B 171 -15.20 10.80 -0.12
CA TRP B 171 -16.07 9.80 0.47
C TRP B 171 -17.03 10.58 1.38
N VAL B 172 -18.33 10.53 1.11
CA VAL B 172 -19.31 11.21 1.96
C VAL B 172 -20.14 10.11 2.60
N VAL B 173 -19.97 9.93 3.90
CA VAL B 173 -20.39 8.70 4.56
C VAL B 173 -21.27 9.05 5.75
N ALA B 174 -22.48 8.48 5.80
CA ALA B 174 -23.40 8.75 6.89
C ALA B 174 -23.07 7.90 8.15
N GLY B 175 -22.74 6.65 7.98
CA GLY B 175 -22.46 5.75 9.08
C GLY B 175 -21.00 5.82 9.50
N ALA B 176 -20.67 5.05 10.54
CA ALA B 176 -19.32 5.06 11.07
C ALA B 176 -18.32 4.57 10.00
N VAL B 177 -17.13 5.13 10.05
CA VAL B 177 -16.02 4.75 9.19
C VAL B 177 -15.00 4.01 10.04
N ASN B 178 -14.61 2.80 9.64
CA ASN B 178 -13.63 1.99 10.37
C ASN B 178 -12.61 1.45 9.38
N ILE B 179 -11.39 1.96 9.51
CA ILE B 179 -10.24 1.55 8.69
C ILE B 179 -9.40 0.66 9.60
N GLU B 180 -9.34 -0.61 9.27
CA GLU B 180 -8.74 -1.61 10.18
C GLU B 180 -7.22 -1.55 10.24
N VAL B 181 -6.70 -2.36 11.16
CA VAL B 181 -5.26 -2.38 11.46
C VAL B 181 -4.48 -2.53 10.17
N GLY B 182 -3.52 -1.65 9.96
CA GLY B 182 -2.63 -1.73 8.84
C GLY B 182 -3.21 -1.39 7.48
N ALA B 183 -4.49 -1.02 7.39
CA ALA B 183 -5.08 -0.70 6.08
C ALA B 183 -4.60 0.68 5.61
N LYS B 184 -4.74 0.93 4.32
CA LYS B 184 -4.28 2.16 3.70
C LYS B 184 -5.37 2.74 2.83
N PHE B 185 -5.77 3.98 3.10
CA PHE B 185 -6.90 4.61 2.46
C PHE B 185 -6.47 5.90 1.76
N GLU B 186 -7.31 6.37 0.85
CA GLU B 186 -7.05 7.54 0.02
C GLU B 186 -8.31 8.38 -0.09
N GLY B 187 -8.18 9.70 0.05
CA GLY B 187 -9.24 10.64 -0.22
C GLY B 187 -9.70 11.44 1.00
N THR B 188 -10.56 12.41 0.70
CA THR B 188 -11.18 13.23 1.74
C THR B 188 -12.44 12.55 2.23
N ILE B 189 -12.51 12.31 3.53
CA ILE B 189 -13.66 11.68 4.14
C ILE B 189 -14.51 12.78 4.82
N LEU B 190 -15.73 12.94 4.33
CA LEU B 190 -16.76 13.78 4.92
C LEU B 190 -17.69 12.84 5.66
N ALA B 191 -17.54 12.78 6.98
CA ALA B 191 -18.24 11.81 7.81
C ALA B 191 -19.27 12.51 8.64
N LYS B 192 -20.45 11.92 8.69
CA LYS B 192 -21.50 12.51 9.46
C LYS B 192 -21.30 12.16 10.90
N THR B 193 -20.71 11.01 11.19
CA THR B 193 -20.47 10.56 12.54
C THR B 193 -18.98 10.28 12.76
N ALA B 194 -18.67 9.11 13.35
CA ALA B 194 -17.27 8.87 13.80
C ALA B 194 -16.42 8.29 12.71
N VAL B 195 -15.12 8.47 12.87
CA VAL B 195 -14.11 7.92 11.97
C VAL B 195 -13.00 7.31 12.84
N THR B 196 -12.64 6.07 12.59
CA THR B 196 -11.61 5.37 13.33
C THR B 196 -10.58 4.79 12.34
N PHE B 197 -9.32 5.11 12.60
CA PHE B 197 -8.15 4.53 11.91
C PHE B 197 -7.39 3.70 12.93
N LYS B 198 -7.41 2.38 12.74
CA LYS B 198 -6.87 1.47 13.74
C LYS B 198 -5.37 1.28 13.53
N THR B 199 -4.75 0.56 14.51
CA THR B 199 -3.28 0.51 14.64
C THR B 199 -2.55 0.42 13.33
N GLY B 200 -1.71 1.40 13.09
CA GLY B 200 -0.80 1.35 11.96
C GLY B 200 -1.44 1.56 10.59
N SER B 201 -2.71 1.95 10.56
CA SER B 201 -3.37 2.29 9.31
C SER B 201 -2.87 3.65 8.80
N SER B 202 -3.31 4.01 7.57
CA SER B 202 -2.92 5.27 7.01
CA SER B 202 -2.85 5.24 6.92
C SER B 202 -3.96 5.83 6.08
N LEU B 203 -3.86 7.14 5.91
CA LEU B 203 -4.69 7.89 5.01
C LEU B 203 -3.84 8.95 4.30
N ASN B 204 -3.97 9.03 2.97
CA ASN B 204 -3.52 10.21 2.22
C ASN B 204 -4.82 10.92 1.84
N GLY B 205 -5.11 12.04 2.46
CA GLY B 205 -6.42 12.61 2.35
C GLY B 205 -6.72 13.57 3.46
N ARG B 206 -7.94 13.51 4.00
CA ARG B 206 -8.41 14.39 5.09
CA ARG B 206 -8.37 14.41 4.99
C ARG B 206 -9.53 13.68 5.77
N ILE B 207 -9.69 14.00 7.06
CA ILE B 207 -10.81 13.49 7.83
C ILE B 207 -11.61 14.71 8.33
N LEU B 208 -12.83 14.85 7.84
CA LEU B 208 -13.72 15.97 8.17
C LEU B 208 -14.97 15.35 8.77
N ALA B 209 -14.96 15.19 10.11
CA ALA B 209 -15.97 14.42 10.83
C ALA B 209 -16.84 15.31 11.69
N GLN B 210 -18.16 15.03 11.66
CA GLN B 210 -19.11 15.81 12.44
C GLN B 210 -19.33 15.28 13.85
N THR B 211 -18.69 14.16 14.24
CA THR B 211 -18.57 13.77 15.62
C THR B 211 -17.10 13.67 16.00
N SER B 212 -16.60 12.46 16.23
CA SER B 212 -15.26 12.26 16.77
C SER B 212 -14.40 11.47 15.80
N VAL B 213 -13.10 11.64 15.99
CA VAL B 213 -12.09 10.90 15.23
C VAL B 213 -11.20 10.16 16.23
N ALA B 214 -10.94 8.88 15.96
CA ALA B 214 -10.07 8.06 16.80
C ALA B 214 -8.97 7.49 15.92
N LEU B 215 -7.74 7.77 16.32
CA LEU B 215 -6.55 7.28 15.63
C LEU B 215 -5.80 6.33 16.55
N GLN B 216 -5.22 5.29 15.95
CA GLN B 216 -4.37 4.36 16.69
C GLN B 216 -3.09 4.22 15.90
N SER B 217 -2.04 4.91 16.37
CA SER B 217 -0.75 4.97 15.68
C SER B 217 -0.92 5.02 14.16
N ALA B 218 -1.71 5.98 13.70
CA ALA B 218 -2.06 6.08 12.29
C ALA B 218 -1.26 7.17 11.59
N THR B 219 -1.04 7.00 10.30
CA THR B 219 -0.29 7.97 9.50
C THR B 219 -1.27 8.68 8.57
N ILE B 220 -1.50 9.97 8.84
CA ILE B 220 -2.54 10.75 8.19
C ILE B 220 -1.88 11.94 7.49
N VAL B 221 -1.83 11.91 6.16
CA VAL B 221 -1.09 12.88 5.36
C VAL B 221 -2.08 13.73 4.58
N GLU B 222 -2.06 15.04 4.77
CA GLU B 222 -3.01 15.91 4.10
C GLU B 222 -2.80 15.87 2.61
N LYS B 223 -3.90 15.67 1.86
CA LYS B 223 -3.95 15.80 0.41
C LYS B 223 -5.15 16.64 0.06
C1 EDO C . 11.66 -1.49 -10.26
O1 EDO C . 12.97 -1.20 -10.76
C2 EDO C . 10.89 -2.36 -11.28
O2 EDO C . 10.50 -1.59 -12.41
C1 EDO D . 23.74 3.60 2.51
O1 EDO D . 22.44 3.38 2.20
C2 EDO D . 23.87 3.57 3.99
O2 EDO D . 23.57 2.24 4.48
C1 EDO E . -0.61 -13.05 -16.90
O1 EDO E . -1.21 -11.79 -17.13
C2 EDO E . -0.88 -13.43 -15.50
O2 EDO E . -2.32 -13.67 -15.20
C1 EDO F . 26.66 -4.37 9.58
O1 EDO F . 27.63 -5.11 8.89
C2 EDO F . 25.72 -5.53 9.58
O2 EDO F . 25.60 -6.31 10.77
C1 EDO G . -12.69 17.21 -4.49
O1 EDO G . -14.02 17.07 -4.91
C2 EDO G . -12.63 18.26 -3.34
O2 EDO G . -12.71 19.55 -3.94
C1 EDO H . -2.79 -8.94 0.25
O1 EDO H . -3.88 -8.18 0.76
C2 EDO H . -3.17 -10.39 0.07
O2 EDO H . -3.61 -10.95 1.34
C1 EDO I . -17.06 -6.68 -5.98
O1 EDO I . -17.69 -7.92 -6.55
C2 EDO I . -16.10 -6.97 -4.74
O2 EDO I . -15.35 -8.14 -4.50
#